data_7E47
#
_entry.id   7E47
#
_cell.length_a   67.388
_cell.length_b   67.713
_cell.length_c   88.224
_cell.angle_alpha   90.000
_cell.angle_beta   90.000
_cell.angle_gamma   90.000
#
_symmetry.space_group_name_H-M   'P 21 21 21'
#
loop_
_entity.id
_entity.type
_entity.pdbx_description
1 polymer 'Macrophage migration inhibitory factor'
2 non-polymer 'CHLORIDE ION'
3 non-polymer (2S,3R,4R,5R,6R)-2-[(2S,3R,4S,5R,6S)-6-(hydroxymethyl)-2-[[(2R,4R)-2-(4-hydroxyphenyl)-4,5-bis(oxidanyl)-3,4-dihydro-2H-chromen-7-yl]oxy]-4,5-bis(oxidanyl)oxan-3-yl]oxy-6-methyl-oxane-3,4,5-triol
4 water water
#
_entity_poly.entity_id   1
_entity_poly.type   'polypeptide(L)'
_entity_poly.pdbx_seq_one_letter_code
;PMFIVNTNVPRASVPDGFLSELTQQLAQATGKPPQYIAVHVVPDQLMAFGGSSEPCALCSLHSIGKIGGAQNRSYSKLLC
GLLAERLRISPDRVYINYYDMNAANVGWNNSTFA
;
_entity_poly.pdbx_strand_id   A,B,C
#
# COMPACT_ATOMS: atom_id res chain seq x y z
N PRO A 1 6.95 8.89 -10.75
CA PRO A 1 5.67 8.59 -10.09
C PRO A 1 5.55 7.09 -10.01
N MET A 2 4.60 6.65 -9.21
CA MET A 2 4.29 5.24 -8.94
C MET A 2 2.80 5.06 -9.04
N PHE A 3 2.36 4.07 -9.82
CA PHE A 3 0.94 3.71 -9.92
C PHE A 3 0.75 2.25 -9.57
N ILE A 4 -0.13 1.97 -8.61
CA ILE A 4 -0.40 0.60 -8.15
C ILE A 4 -1.88 0.33 -8.34
N VAL A 5 -2.21 -0.82 -8.90
CA VAL A 5 -3.60 -1.26 -8.99
C VAL A 5 -3.70 -2.63 -8.33
N ASN A 6 -4.58 -2.76 -7.35
CA ASN A 6 -4.93 -4.04 -6.74
C ASN A 6 -6.33 -4.40 -7.19
N THR A 7 -6.52 -5.63 -7.63
CA THR A 7 -7.81 -6.00 -8.20
C THR A 7 -8.09 -7.47 -7.91
N ASN A 8 -9.40 -7.79 -7.86
CA ASN A 8 -9.86 -9.19 -7.80
C ASN A 8 -9.88 -9.88 -9.17
N VAL A 9 -9.67 -9.14 -10.25
CA VAL A 9 -9.70 -9.78 -11.57
C VAL A 9 -8.56 -10.78 -11.67
N PRO A 10 -8.76 -11.94 -12.28
CA PRO A 10 -7.67 -12.93 -12.36
C PRO A 10 -6.54 -12.48 -13.27
N ARG A 11 -5.34 -13.02 -12.97
CA ARG A 11 -4.16 -12.67 -13.75
C ARG A 11 -4.36 -12.91 -15.24
N ALA A 12 -5.03 -14.01 -15.61
CA ALA A 12 -5.24 -14.35 -17.00
C ALA A 12 -6.09 -13.33 -17.73
N SER A 13 -6.83 -12.50 -16.99
CA SER A 13 -7.66 -11.47 -17.59
C SER A 13 -6.94 -10.13 -17.73
N VAL A 14 -5.68 -10.03 -17.29
CA VAL A 14 -4.87 -8.83 -17.52
C VAL A 14 -4.22 -8.99 -18.90
N PRO A 15 -4.57 -8.16 -19.89
CA PRO A 15 -4.06 -8.37 -21.26
C PRO A 15 -2.58 -8.08 -21.37
N ASP A 16 -1.94 -8.74 -22.32
CA ASP A 16 -0.60 -8.36 -22.75
C ASP A 16 -0.56 -6.86 -23.01
N GLY A 17 0.54 -6.22 -22.60
CA GLY A 17 0.75 -4.82 -22.89
C GLY A 17 0.17 -3.87 -21.86
N PHE A 18 -0.46 -4.39 -20.79
CA PHE A 18 -1.15 -3.52 -19.83
C PHE A 18 -0.18 -2.63 -19.06
N LEU A 19 0.90 -3.19 -18.51
CA LEU A 19 1.86 -2.35 -17.80
C LEU A 19 2.43 -1.29 -18.70
N SER A 20 2.73 -1.63 -19.96
CA SER A 20 3.30 -0.65 -20.87
C SER A 20 2.30 0.47 -21.17
N GLU A 21 1.03 0.11 -21.40
CA GLU A 21 0.02 1.14 -21.62
C GLU A 21 -0.09 2.07 -20.41
N LEU A 22 -0.09 1.52 -19.18
CA LEU A 22 -0.14 2.38 -18.00
C LEU A 22 1.07 3.30 -17.96
N THR A 23 2.27 2.74 -18.21
CA THR A 23 3.50 3.55 -18.16
C THR A 23 3.40 4.71 -19.13
N GLN A 24 3.03 4.41 -20.39
CA GLN A 24 3.02 5.42 -21.43
C GLN A 24 1.95 6.46 -21.17
N GLN A 25 0.72 6.01 -20.82
CA GLN A 25 -0.35 6.97 -20.61
C GLN A 25 -0.13 7.83 -19.38
N LEU A 26 0.47 7.26 -18.31
CA LEU A 26 0.78 8.07 -17.12
C LEU A 26 1.89 9.05 -17.41
N ALA A 27 2.89 8.65 -18.22
CA ALA A 27 3.95 9.61 -18.56
C ALA A 27 3.34 10.81 -19.25
N GLN A 28 2.44 10.57 -20.20
CA GLN A 28 1.80 11.66 -20.91
C GLN A 28 0.94 12.50 -19.96
N ALA A 29 0.14 11.83 -19.13
CA ALA A 29 -0.81 12.56 -18.29
C ALA A 29 -0.11 13.39 -17.24
N THR A 30 0.96 12.86 -16.65
CA THR A 30 1.64 13.58 -15.57
C THR A 30 2.67 14.54 -16.08
N GLY A 31 3.08 14.42 -17.35
CA GLY A 31 4.16 15.24 -17.85
C GLY A 31 5.52 14.85 -17.36
N LYS A 32 5.66 13.67 -16.78
CA LYS A 32 6.94 13.18 -16.25
C LYS A 32 7.56 12.22 -17.25
N PRO A 33 8.90 12.14 -17.33
CA PRO A 33 9.53 11.23 -18.30
C PRO A 33 9.13 9.79 -17.99
N PRO A 34 8.87 8.98 -19.01
CA PRO A 34 8.47 7.57 -18.75
C PRO A 34 9.53 6.80 -18.00
N GLN A 35 10.80 7.22 -18.09
CA GLN A 35 11.88 6.54 -17.38
C GLN A 35 11.67 6.59 -15.87
N TYR A 36 10.88 7.56 -15.39
CA TYR A 36 10.61 7.71 -13.96
C TYR A 36 9.26 7.14 -13.52
N ILE A 37 8.48 6.55 -14.42
CA ILE A 37 7.16 6.01 -14.08
C ILE A 37 7.31 4.54 -13.71
N ALA A 38 6.82 4.18 -12.52
CA ALA A 38 6.79 2.79 -12.08
C ALA A 38 5.33 2.35 -11.96
N VAL A 39 5.02 1.13 -12.39
CA VAL A 39 3.65 0.62 -12.37
C VAL A 39 3.66 -0.78 -11.78
N HIS A 40 2.58 -1.12 -11.11
CA HIS A 40 2.49 -2.37 -10.37
C HIS A 40 1.03 -2.81 -10.40
N VAL A 41 0.78 -4.02 -10.89
CA VAL A 41 -0.57 -4.54 -11.01
C VAL A 41 -0.62 -5.80 -10.18
N VAL A 42 -1.65 -5.91 -9.34
CA VAL A 42 -1.77 -7.04 -8.40
C VAL A 42 -3.13 -7.68 -8.61
N PRO A 43 -3.19 -8.75 -9.40
CA PRO A 43 -4.46 -9.41 -9.67
C PRO A 43 -4.79 -10.46 -8.64
N ASP A 44 -5.96 -11.09 -8.79
CA ASP A 44 -6.36 -12.24 -8.00
C ASP A 44 -6.55 -11.92 -6.52
N GLN A 45 -6.86 -10.67 -6.19
CA GLN A 45 -6.95 -10.29 -4.78
C GLN A 45 -8.30 -10.65 -4.18
N LEU A 46 -8.30 -10.86 -2.89
CA LEU A 46 -9.50 -11.09 -2.10
C LEU A 46 -10.02 -9.70 -1.66
N MET A 47 -11.05 -9.19 -2.34
CA MET A 47 -11.48 -7.80 -2.17
C MET A 47 -12.98 -7.73 -2.36
N ALA A 48 -13.59 -6.72 -1.74
CA ALA A 48 -15.00 -6.40 -1.98
C ALA A 48 -15.12 -4.90 -2.07
N PHE A 49 -16.10 -4.45 -2.81
CA PHE A 49 -16.37 -3.02 -2.97
C PHE A 49 -17.86 -2.86 -2.72
N GLY A 50 -18.22 -2.11 -1.68
CA GLY A 50 -19.63 -2.04 -1.32
C GLY A 50 -20.21 -3.38 -0.90
N GLY A 51 -19.39 -4.28 -0.38
CA GLY A 51 -19.84 -5.59 0.08
C GLY A 51 -20.07 -6.61 -1.04
N SER A 52 -19.78 -6.28 -2.29
CA SER A 52 -19.97 -7.23 -3.37
C SER A 52 -18.64 -7.45 -4.06
N SER A 53 -18.56 -8.56 -4.77
CA SER A 53 -17.25 -8.95 -5.30
C SER A 53 -17.22 -9.11 -6.82
N GLU A 54 -18.01 -8.31 -7.54
CA GLU A 54 -17.82 -8.11 -8.97
C GLU A 54 -16.44 -7.46 -9.12
N PRO A 55 -15.92 -7.41 -10.34
CA PRO A 55 -14.60 -6.82 -10.55
C PRO A 55 -14.53 -5.43 -9.93
N CYS A 56 -13.43 -5.17 -9.23
CA CYS A 56 -13.20 -3.87 -8.60
C CYS A 56 -11.70 -3.61 -8.54
N ALA A 57 -11.34 -2.37 -8.19
CA ALA A 57 -9.92 -2.07 -8.08
C ALA A 57 -9.70 -1.00 -7.03
N LEU A 58 -8.59 -1.15 -6.29
CA LEU A 58 -8.12 -0.16 -5.35
C LEU A 58 -6.74 0.25 -5.81
N CYS A 59 -6.53 1.54 -6.03
CA CYS A 59 -5.34 2.02 -6.70
C CYS A 59 -4.73 3.20 -5.98
N SER A 60 -3.48 3.48 -6.29
CA SER A 60 -2.86 4.71 -5.81
C SER A 60 -1.93 5.26 -6.86
N LEU A 61 -1.83 6.59 -6.87
CA LEU A 61 -0.86 7.29 -7.72
C LEU A 61 -0.10 8.22 -6.82
N HIS A 62 1.21 8.03 -6.73
CA HIS A 62 2.11 8.92 -5.99
C HIS A 62 2.97 9.66 -7.00
N SER A 63 3.10 10.97 -6.83
CA SER A 63 3.90 11.78 -7.74
C SER A 63 4.43 12.96 -6.97
N ILE A 64 5.64 13.39 -7.32
CA ILE A 64 6.21 14.63 -6.78
C ILE A 64 5.62 15.77 -7.61
N GLY A 65 4.55 16.37 -7.10
CA GLY A 65 3.83 17.38 -7.86
C GLY A 65 2.96 16.73 -8.91
N LYS A 66 2.33 17.58 -9.72
CA LYS A 66 1.37 17.12 -10.74
C LYS A 66 0.15 16.43 -10.12
N ILE A 67 -0.19 16.81 -8.89
CA ILE A 67 -1.36 16.32 -8.17
C ILE A 67 -2.19 17.53 -7.76
N GLY A 68 -3.49 17.47 -8.00
CA GLY A 68 -4.36 18.58 -7.61
C GLY A 68 -5.76 18.30 -8.08
N GLY A 69 -6.67 19.22 -7.75
CA GLY A 69 -8.09 19.00 -8.04
C GLY A 69 -8.41 18.65 -9.48
N ALA A 70 -8.04 19.53 -10.42
CA ALA A 70 -8.35 19.28 -11.82
C ALA A 70 -7.50 18.14 -12.37
N GLN A 71 -6.21 18.09 -12.01
CA GLN A 71 -5.36 17.03 -12.53
C GLN A 71 -5.87 15.68 -12.09
N ASN A 72 -6.32 15.58 -10.85
CA ASN A 72 -6.75 14.27 -10.35
C ASN A 72 -8.05 13.84 -11.04
N ARG A 73 -8.94 14.79 -11.33
CA ARG A 73 -10.12 14.44 -12.12
C ARG A 73 -9.71 13.86 -13.47
N SER A 74 -8.74 14.47 -14.12
CA SER A 74 -8.27 13.98 -15.41
C SER A 74 -7.64 12.60 -15.26
N TYR A 75 -6.84 12.38 -14.21
CA TYR A 75 -6.23 11.06 -14.05
C TYR A 75 -7.29 10.00 -13.81
N SER A 76 -8.34 10.35 -13.08
CA SER A 76 -9.38 9.40 -12.77
C SER A 76 -10.14 8.98 -14.01
N LYS A 77 -10.41 9.94 -14.91
CA LYS A 77 -11.02 9.58 -16.18
C LYS A 77 -10.14 8.65 -16.99
N LEU A 78 -8.85 9.00 -17.11
CA LEU A 78 -7.90 8.18 -17.86
C LEU A 78 -7.82 6.77 -17.27
N LEU A 79 -7.61 6.68 -15.95
CA LEU A 79 -7.33 5.40 -15.33
C LEU A 79 -8.59 4.55 -15.25
N CYS A 80 -9.73 5.14 -14.90
CA CYS A 80 -10.97 4.36 -14.93
C CYS A 80 -11.26 3.89 -16.35
N GLY A 81 -10.98 4.73 -17.34
CA GLY A 81 -11.17 4.32 -18.73
C GLY A 81 -10.34 3.10 -19.09
N LEU A 82 -9.06 3.09 -18.68
CA LEU A 82 -8.19 1.94 -18.98
C LEU A 82 -8.66 0.70 -18.23
N LEU A 83 -9.04 0.85 -16.96
CA LEU A 83 -9.46 -0.31 -16.19
C LEU A 83 -10.76 -0.87 -16.73
N ALA A 84 -11.65 0.00 -17.22
CA ALA A 84 -12.93 -0.47 -17.78
C ALA A 84 -12.67 -1.19 -19.10
N GLU A 85 -11.84 -0.60 -19.96
CA GLU A 85 -11.61 -1.18 -21.28
C GLU A 85 -10.79 -2.47 -21.20
N ARG A 86 -9.75 -2.47 -20.37
CA ARG A 86 -8.78 -3.55 -20.40
C ARG A 86 -9.06 -4.63 -19.38
N LEU A 87 -9.57 -4.26 -18.20
CA LEU A 87 -9.85 -5.24 -17.15
C LEU A 87 -11.34 -5.46 -16.94
N ARG A 88 -12.21 -4.72 -17.65
CA ARG A 88 -13.66 -4.88 -17.52
C ARG A 88 -14.12 -4.55 -16.11
N ILE A 89 -13.51 -3.55 -15.47
CA ILE A 89 -13.94 -3.10 -14.15
C ILE A 89 -14.78 -1.84 -14.32
N SER A 90 -15.96 -1.83 -13.73
N SER A 90 -15.96 -1.83 -13.73
CA SER A 90 -16.80 -0.64 -13.80
CA SER A 90 -16.82 -0.64 -13.80
C SER A 90 -16.12 0.52 -13.09
C SER A 90 -16.16 0.52 -13.07
N PRO A 91 -16.18 1.73 -13.65
CA PRO A 91 -15.58 2.90 -12.95
C PRO A 91 -16.13 3.17 -11.57
N ASP A 92 -17.41 2.82 -11.31
CA ASP A 92 -17.94 3.02 -9.96
C ASP A 92 -17.52 1.94 -8.98
N ARG A 93 -16.63 1.03 -9.38
CA ARG A 93 -16.02 0.07 -8.47
C ARG A 93 -14.50 0.25 -8.42
N VAL A 94 -14.05 1.48 -8.66
CA VAL A 94 -12.64 1.82 -8.60
C VAL A 94 -12.46 2.97 -7.61
N TYR A 95 -11.48 2.83 -6.72
CA TYR A 95 -10.97 3.97 -5.96
C TYR A 95 -9.51 4.17 -6.32
N ILE A 96 -9.10 5.43 -6.43
CA ILE A 96 -7.70 5.79 -6.67
C ILE A 96 -7.33 6.84 -5.64
N ASN A 97 -6.35 6.53 -4.79
CA ASN A 97 -5.86 7.53 -3.85
C ASN A 97 -4.67 8.25 -4.48
N TYR A 98 -4.71 9.58 -4.47
CA TYR A 98 -3.64 10.40 -5.05
C TYR A 98 -2.79 10.96 -3.91
N TYR A 99 -1.46 10.94 -4.11
CA TYR A 99 -0.50 11.42 -3.12
C TYR A 99 0.46 12.37 -3.81
N ASP A 100 0.50 13.62 -3.35
CA ASP A 100 1.48 14.61 -3.79
C ASP A 100 2.64 14.48 -2.82
N MET A 101 3.71 13.81 -3.26
CA MET A 101 4.89 13.57 -2.45
C MET A 101 5.85 14.74 -2.41
N ASN A 102 6.31 15.07 -1.20
CA ASN A 102 7.47 15.95 -1.12
C ASN A 102 8.70 15.22 -1.66
N ALA A 103 9.55 15.96 -2.37
CA ALA A 103 10.75 15.35 -2.94
C ALA A 103 11.62 14.68 -1.87
N ALA A 104 11.72 15.28 -0.67
CA ALA A 104 12.55 14.69 0.38
C ALA A 104 11.99 13.39 0.91
N ASN A 105 10.73 13.07 0.60
CA ASN A 105 10.07 11.86 1.08
C ASN A 105 9.99 10.79 0.02
N VAL A 106 10.76 10.92 -1.06
CA VAL A 106 10.81 9.87 -2.07
C VAL A 106 12.26 9.47 -2.25
N GLY A 107 12.59 8.26 -1.80
CA GLY A 107 13.92 7.73 -2.00
C GLY A 107 14.08 7.09 -3.37
N TRP A 108 15.30 7.20 -3.91
CA TRP A 108 15.63 6.64 -5.21
C TRP A 108 17.13 6.66 -5.32
N ASN A 109 17.73 5.56 -5.82
CA ASN A 109 19.14 5.58 -6.22
C ASN A 109 20.06 6.09 -5.11
N ASN A 110 19.92 5.52 -3.91
CA ASN A 110 20.78 5.76 -2.76
C ASN A 110 20.56 7.13 -2.12
N SER A 111 19.57 7.89 -2.55
CA SER A 111 19.33 9.20 -1.95
C SER A 111 17.82 9.49 -2.01
N THR A 112 17.47 10.76 -1.97
CA THR A 112 16.09 11.15 -2.22
C THR A 112 16.08 12.13 -3.39
N PHE A 113 14.88 12.54 -3.79
CA PHE A 113 14.78 13.53 -4.85
C PHE A 113 14.99 14.96 -4.35
N ALA A 114 15.16 15.17 -3.05
CA ALA A 114 15.32 16.55 -2.52
C ALA A 114 16.55 17.24 -3.08
N PRO B 1 -14.66 4.71 2.06
CA PRO B 1 -13.42 4.35 2.77
C PRO B 1 -12.89 3.06 2.21
N MET B 2 -11.63 2.77 2.54
CA MET B 2 -10.90 1.60 2.08
C MET B 2 -10.21 1.02 3.31
N PHE B 3 -10.36 -0.28 3.55
CA PHE B 3 -9.63 -0.95 4.62
C PHE B 3 -8.84 -2.11 4.01
N ILE B 4 -7.54 -2.15 4.29
CA ILE B 4 -6.66 -3.18 3.74
C ILE B 4 -5.98 -3.88 4.91
N VAL B 5 -5.94 -5.20 4.88
CA VAL B 5 -5.20 -5.96 5.87
C VAL B 5 -4.22 -6.87 5.13
N ASN B 6 -2.94 -6.76 5.48
CA ASN B 6 -1.89 -7.67 5.01
C ASN B 6 -1.47 -8.53 6.18
N THR B 7 -1.46 -9.85 5.99
CA THR B 7 -1.17 -10.74 7.10
C THR B 7 -0.43 -11.97 6.60
N ASN B 8 0.34 -12.57 7.52
CA ASN B 8 0.99 -13.85 7.24
C ASN B 8 0.11 -15.05 7.51
N VAL B 9 -1.08 -14.86 8.06
CA VAL B 9 -1.93 -16.04 8.27
C VAL B 9 -2.38 -16.62 6.94
N PRO B 10 -2.59 -17.93 6.86
CA PRO B 10 -2.91 -18.55 5.58
C PRO B 10 -4.32 -18.21 5.12
N ARG B 11 -4.50 -18.22 3.80
CA ARG B 11 -5.79 -17.91 3.20
C ARG B 11 -6.90 -18.79 3.77
N ALA B 12 -6.61 -20.07 4.01
CA ALA B 12 -7.61 -20.97 4.54
C ALA B 12 -8.10 -20.56 5.93
N SER B 13 -7.34 -19.76 6.66
CA SER B 13 -7.74 -19.29 7.98
C SER B 13 -8.64 -18.07 7.92
N VAL B 14 -8.85 -17.47 6.75
CA VAL B 14 -9.74 -16.32 6.65
C VAL B 14 -11.16 -16.86 6.50
N PRO B 15 -12.05 -16.59 7.43
CA PRO B 15 -13.37 -17.24 7.37
C PRO B 15 -14.21 -16.65 6.25
N ASP B 16 -15.09 -17.49 5.70
CA ASP B 16 -16.05 -17.00 4.73
C ASP B 16 -16.92 -15.93 5.39
N GLY B 17 -17.21 -14.89 4.64
CA GLY B 17 -17.95 -13.80 5.20
C GLY B 17 -17.12 -12.76 5.90
N PHE B 18 -15.80 -12.96 6.04
CA PHE B 18 -14.96 -11.95 6.70
C PHE B 18 -15.02 -10.61 5.97
N LEU B 19 -14.97 -10.62 4.64
CA LEU B 19 -15.03 -9.34 3.92
C LEU B 19 -16.36 -8.64 4.16
N SER B 20 -17.45 -9.40 4.22
N SER B 20 -17.45 -9.40 4.21
CA SER B 20 -18.75 -8.79 4.46
CA SER B 20 -18.76 -8.79 4.46
C SER B 20 -18.84 -8.27 5.88
C SER B 20 -18.84 -8.27 5.89
N GLU B 21 -18.27 -9.00 6.85
CA GLU B 21 -18.28 -8.54 8.22
C GLU B 21 -17.48 -7.24 8.36
N LEU B 22 -16.29 -7.18 7.73
CA LEU B 22 -15.52 -5.93 7.74
C LEU B 22 -16.31 -4.80 7.11
N THR B 23 -16.98 -5.07 5.98
CA THR B 23 -17.75 -4.00 5.32
C THR B 23 -18.81 -3.44 6.25
N GLN B 24 -19.60 -4.32 6.88
CA GLN B 24 -20.70 -3.84 7.69
C GLN B 24 -20.19 -3.18 8.97
N GLN B 25 -19.16 -3.73 9.59
CA GLN B 25 -18.66 -3.14 10.82
C GLN B 25 -18.02 -1.78 10.55
N LEU B 26 -17.31 -1.65 9.43
CA LEU B 26 -16.73 -0.35 9.09
C LEU B 26 -17.81 0.68 8.73
N ALA B 27 -18.87 0.24 8.04
CA ALA B 27 -19.98 1.14 7.76
C ALA B 27 -20.54 1.71 9.05
N GLN B 28 -20.76 0.84 10.05
CA GLN B 28 -21.33 1.27 11.33
C GLN B 28 -20.35 2.18 12.06
N ALA B 29 -19.05 1.84 12.05
CA ALA B 29 -18.08 2.60 12.83
C ALA B 29 -17.82 3.96 12.21
N THR B 30 -17.75 4.03 10.88
CA THR B 30 -17.44 5.31 10.21
C THR B 30 -18.67 6.15 9.93
N GLY B 31 -19.87 5.59 10.03
CA GLY B 31 -21.05 6.32 9.63
C GLY B 31 -21.23 6.44 8.14
N LYS B 32 -20.37 5.81 7.32
CA LYS B 32 -20.44 5.90 5.87
C LYS B 32 -21.32 4.77 5.34
N PRO B 33 -22.01 4.97 4.23
CA PRO B 33 -22.84 3.88 3.66
C PRO B 33 -21.98 2.71 3.21
N PRO B 34 -22.47 1.49 3.39
CA PRO B 34 -21.65 0.32 3.04
C PRO B 34 -21.28 0.31 1.58
N GLN B 35 -22.10 0.94 0.72
CA GLN B 35 -21.82 0.98 -0.70
C GLN B 35 -20.49 1.64 -1.00
N TYR B 36 -20.01 2.50 -0.10
CA TYR B 36 -18.75 3.19 -0.31
C TYR B 36 -17.58 2.57 0.45
N ILE B 37 -17.76 1.45 1.14
CA ILE B 37 -16.68 0.78 1.88
C ILE B 37 -16.08 -0.31 1.01
N ALA B 38 -14.77 -0.26 0.79
CA ALA B 38 -14.02 -1.29 0.08
C ALA B 38 -13.10 -1.96 1.07
N VAL B 39 -12.96 -3.27 0.95
CA VAL B 39 -12.14 -4.04 1.88
C VAL B 39 -11.26 -4.98 1.07
N HIS B 40 -10.05 -5.20 1.57
CA HIS B 40 -9.07 -5.99 0.82
C HIS B 40 -8.24 -6.74 1.85
N VAL B 41 -8.22 -8.06 1.77
CA VAL B 41 -7.49 -8.92 2.71
C VAL B 41 -6.43 -9.69 1.92
N VAL B 42 -5.19 -9.62 2.41
CA VAL B 42 -4.05 -10.19 1.71
C VAL B 42 -3.38 -11.19 2.65
N PRO B 43 -3.71 -12.45 2.55
CA PRO B 43 -3.10 -13.46 3.43
C PRO B 43 -1.80 -14.01 2.87
N ASP B 44 -1.18 -14.91 3.61
CA ASP B 44 0.00 -15.66 3.14
C ASP B 44 1.20 -14.78 2.88
N GLN B 45 1.29 -13.65 3.57
CA GLN B 45 2.40 -12.73 3.31
C GLN B 45 3.66 -13.14 4.05
N LEU B 46 4.80 -12.72 3.51
CA LEU B 46 6.11 -12.87 4.14
C LEU B 46 6.35 -11.61 4.97
N MET B 47 6.17 -11.73 6.29
CA MET B 47 6.17 -10.59 7.16
C MET B 47 6.75 -11.00 8.51
N ALA B 48 7.34 -10.00 9.20
CA ALA B 48 7.77 -10.18 10.58
C ALA B 48 7.38 -8.95 11.38
N PHE B 49 7.13 -9.15 12.67
CA PHE B 49 6.82 -8.10 13.62
C PHE B 49 7.71 -8.37 14.81
N GLY B 50 8.58 -7.43 15.12
CA GLY B 50 9.58 -7.68 16.16
C GLY B 50 10.52 -8.83 15.87
N GLY B 51 10.77 -9.15 14.58
CA GLY B 51 11.64 -10.26 14.21
C GLY B 51 10.96 -11.61 14.23
N SER B 52 9.71 -11.68 14.66
CA SER B 52 8.99 -12.93 14.79
C SER B 52 7.98 -13.04 13.67
N SER B 53 7.85 -14.23 13.12
CA SER B 53 6.85 -14.50 12.10
C SER B 53 5.62 -15.23 12.65
N GLU B 54 5.36 -15.12 13.96
CA GLU B 54 4.05 -15.46 14.47
C GLU B 54 3.01 -14.56 13.81
N PRO B 55 1.72 -14.95 13.84
CA PRO B 55 0.70 -14.16 13.12
C PRO B 55 0.76 -12.69 13.47
N CYS B 56 0.66 -11.86 12.43
CA CYS B 56 0.71 -10.41 12.59
C CYS B 56 -0.05 -9.80 11.45
N ALA B 57 -0.29 -8.48 11.52
CA ALA B 57 -0.96 -7.81 10.42
C ALA B 57 -0.50 -6.36 10.31
N LEU B 58 -0.44 -5.88 9.07
CA LEU B 58 -0.22 -4.48 8.75
C LEU B 58 -1.42 -4.01 7.97
N CYS B 59 -2.10 -2.97 8.45
CA CYS B 59 -3.41 -2.59 7.90
C CYS B 59 -3.42 -1.10 7.61
N SER B 60 -4.40 -0.68 6.80
CA SER B 60 -4.64 0.75 6.61
C SER B 60 -6.13 0.99 6.50
N LEU B 61 -6.56 2.13 7.02
CA LEU B 61 -7.92 2.63 6.83
C LEU B 61 -7.80 4.01 6.22
N HIS B 62 -8.32 4.20 5.02
CA HIS B 62 -8.38 5.51 4.40
C HIS B 62 -9.85 5.95 4.40
N SER B 63 -10.12 7.20 4.77
CA SER B 63 -11.48 7.72 4.75
C SER B 63 -11.43 9.21 4.52
N ILE B 64 -12.43 9.74 3.81
CA ILE B 64 -12.63 11.18 3.65
C ILE B 64 -13.34 11.63 4.92
N GLY B 65 -12.56 12.11 5.90
CA GLY B 65 -13.13 12.45 7.18
C GLY B 65 -13.38 11.20 8.01
N LYS B 66 -13.97 11.43 9.19
CA LYS B 66 -14.20 10.38 10.17
C LYS B 66 -12.89 9.74 10.66
N ILE B 67 -11.83 10.53 10.63
CA ILE B 67 -10.51 10.13 11.13
C ILE B 67 -10.08 11.17 12.17
N GLY B 68 -9.59 10.70 13.32
CA GLY B 68 -9.11 11.61 14.36
C GLY B 68 -8.74 10.81 15.58
N GLY B 69 -8.24 11.53 16.59
CA GLY B 69 -7.71 10.90 17.79
C GLY B 69 -8.62 9.90 18.46
N ALA B 70 -9.81 10.36 18.86
CA ALA B 70 -10.77 9.49 19.56
C ALA B 70 -11.34 8.45 18.61
N GLN B 71 -11.65 8.85 17.38
CA GLN B 71 -12.24 7.91 16.42
C GLN B 71 -11.27 6.78 16.11
N ASN B 72 -9.99 7.13 15.94
CA ASN B 72 -8.98 6.11 15.60
C ASN B 72 -8.77 5.14 16.76
N ARG B 73 -8.84 5.61 18.00
CA ARG B 73 -8.78 4.69 19.13
C ARG B 73 -9.93 3.69 19.07
N SER B 74 -11.13 4.18 18.72
CA SER B 74 -12.27 3.28 18.64
C SER B 74 -12.14 2.32 17.47
N TYR B 75 -11.67 2.80 16.32
CA TYR B 75 -11.45 1.90 15.18
C TYR B 75 -10.43 0.82 15.52
N SER B 76 -9.41 1.19 16.30
CA SER B 76 -8.35 0.23 16.61
C SER B 76 -8.88 -0.88 17.50
N LYS B 77 -9.71 -0.52 18.48
CA LYS B 77 -10.33 -1.54 19.30
C LYS B 77 -11.20 -2.45 18.46
N LEU B 78 -12.04 -1.88 17.59
CA LEU B 78 -12.91 -2.68 16.74
C LEU B 78 -12.10 -3.63 15.85
N LEU B 79 -11.13 -3.07 15.13
CA LEU B 79 -10.43 -3.85 14.12
C LEU B 79 -9.47 -4.86 14.73
N CYS B 80 -8.75 -4.48 15.80
CA CYS B 80 -7.94 -5.48 16.48
C CYS B 80 -8.82 -6.58 17.03
N GLY B 81 -9.99 -6.22 17.55
CA GLY B 81 -10.91 -7.24 18.04
C GLY B 81 -11.31 -8.22 16.95
N LEU B 82 -11.61 -7.71 15.75
CA LEU B 82 -12.01 -8.57 14.64
C LEU B 82 -10.85 -9.43 14.17
N LEU B 83 -9.64 -8.87 14.12
CA LEU B 83 -8.49 -9.66 13.69
C LEU B 83 -8.15 -10.72 14.70
N ALA B 84 -8.35 -10.43 16.00
CA ALA B 84 -8.09 -11.43 17.02
C ALA B 84 -9.13 -12.55 16.97
N GLU B 85 -10.41 -12.19 16.91
CA GLU B 85 -11.46 -13.20 16.92
C GLU B 85 -11.46 -14.04 15.64
N ARG B 86 -11.32 -13.38 14.50
CA ARG B 86 -11.51 -14.07 13.22
C ARG B 86 -10.23 -14.67 12.66
N LEU B 87 -9.09 -14.00 12.84
CA LEU B 87 -7.84 -14.48 12.27
C LEU B 87 -6.86 -14.94 13.33
N ARG B 88 -7.21 -14.82 14.62
CA ARG B 88 -6.37 -15.31 15.71
C ARG B 88 -5.04 -14.56 15.76
N ILE B 89 -5.06 -13.26 15.43
CA ILE B 89 -3.87 -12.41 15.50
C ILE B 89 -3.92 -11.60 16.79
N SER B 90 -2.84 -11.62 17.56
CA SER B 90 -2.80 -10.83 18.78
C SER B 90 -2.85 -9.34 18.46
N PRO B 91 -3.66 -8.56 19.20
CA PRO B 91 -3.68 -7.10 18.98
C PRO B 91 -2.34 -6.43 19.06
N ASP B 92 -1.42 -6.98 19.86
CA ASP B 92 -0.09 -6.39 19.97
C ASP B 92 0.84 -6.72 18.83
N ARG B 93 0.35 -7.44 17.81
CA ARG B 93 1.08 -7.70 16.57
C ARG B 93 0.36 -7.13 15.35
N VAL B 94 -0.42 -6.08 15.55
CA VAL B 94 -1.19 -5.43 14.50
C VAL B 94 -0.82 -3.94 14.48
N TYR B 95 -0.47 -3.42 13.30
CA TYR B 95 -0.44 -1.97 13.09
C TYR B 95 -1.56 -1.58 12.14
N ILE B 96 -2.23 -0.46 12.42
CA ILE B 96 -3.23 0.11 11.50
C ILE B 96 -2.84 1.55 11.22
N ASN B 97 -2.60 1.89 9.97
CA ASN B 97 -2.34 3.28 9.59
C ASN B 97 -3.62 3.95 9.15
N TYR B 98 -3.91 5.11 9.74
CA TYR B 98 -5.13 5.85 9.44
C TYR B 98 -4.80 7.04 8.54
N TYR B 99 -5.62 7.26 7.52
CA TYR B 99 -5.42 8.34 6.56
C TYR B 99 -6.71 9.10 6.39
N ASP B 100 -6.69 10.39 6.70
CA ASP B 100 -7.83 11.31 6.45
C ASP B 100 -7.57 11.90 5.08
N MET B 101 -8.30 11.42 4.08
CA MET B 101 -8.10 11.85 2.71
C MET B 101 -8.89 13.09 2.38
N ASN B 102 -8.26 14.01 1.66
CA ASN B 102 -9.01 15.10 1.05
C ASN B 102 -9.85 14.55 -0.09
N ALA B 103 -11.09 15.00 -0.22
CA ALA B 103 -11.99 14.54 -1.28
C ALA B 103 -11.35 14.67 -2.67
N ALA B 104 -10.58 15.74 -2.91
CA ALA B 104 -9.95 15.94 -4.22
C ALA B 104 -8.88 14.90 -4.51
N ASN B 105 -8.42 14.16 -3.50
CA ASN B 105 -7.36 13.18 -3.67
C ASN B 105 -7.90 11.77 -3.66
N VAL B 106 -9.20 11.59 -3.81
CA VAL B 106 -9.80 10.26 -3.93
C VAL B 106 -10.58 10.18 -5.23
N GLY B 107 -10.05 9.41 -6.19
CA GLY B 107 -10.73 9.18 -7.43
C GLY B 107 -11.74 8.05 -7.36
N TRP B 108 -12.81 8.20 -8.14
CA TRP B 108 -13.88 7.21 -8.16
C TRP B 108 -14.75 7.53 -9.35
N ASN B 109 -15.13 6.51 -10.12
CA ASN B 109 -16.19 6.68 -11.12
C ASN B 109 -15.88 7.85 -12.06
N ASN B 110 -14.68 7.84 -12.65
CA ASN B 110 -14.25 8.79 -13.67
C ASN B 110 -13.99 10.20 -13.16
N SER B 111 -14.03 10.43 -11.86
CA SER B 111 -13.80 11.79 -11.33
C SER B 111 -13.16 11.64 -9.96
N THR B 112 -13.29 12.67 -9.13
CA THR B 112 -12.93 12.56 -7.71
C THR B 112 -14.14 12.92 -6.87
N PHE B 113 -14.02 12.79 -5.56
CA PHE B 113 -15.11 13.15 -4.67
C PHE B 113 -15.19 14.65 -4.39
N ALA B 114 -14.27 15.46 -4.91
CA ALA B 114 -14.33 16.91 -4.65
C ALA B 114 -15.59 17.57 -5.21
N PRO C 1 10.12 1.75 12.89
CA PRO C 1 9.35 1.92 11.64
C PRO C 1 8.71 0.64 11.20
N MET C 2 7.87 0.75 10.17
CA MET C 2 7.44 -0.41 9.43
C MET C 2 7.88 -0.22 7.98
N PHE C 3 8.36 -1.30 7.38
CA PHE C 3 8.98 -1.24 6.05
C PHE C 3 8.34 -2.30 5.16
N ILE C 4 7.92 -1.88 3.96
CA ILE C 4 7.32 -2.79 2.99
C ILE C 4 8.12 -2.69 1.71
N VAL C 5 8.47 -3.83 1.14
CA VAL C 5 9.09 -3.86 -0.18
C VAL C 5 8.26 -4.74 -1.11
N ASN C 6 7.88 -4.18 -2.26
CA ASN C 6 7.24 -4.95 -3.33
C ASN C 6 8.22 -5.08 -4.47
N THR C 7 8.40 -6.30 -4.97
CA THR C 7 9.39 -6.49 -6.02
C THR C 7 8.97 -7.58 -6.99
N ASN C 8 9.49 -7.47 -8.21
CA ASN C 8 9.31 -8.53 -9.21
C ASN C 8 10.32 -9.66 -9.07
N VAL C 9 11.30 -9.53 -8.18
CA VAL C 9 12.27 -10.61 -7.96
C VAL C 9 11.52 -11.82 -7.42
N PRO C 10 11.83 -13.02 -7.85
CA PRO C 10 11.07 -14.19 -7.40
C PRO C 10 11.37 -14.54 -5.95
N ARG C 11 10.40 -15.21 -5.33
CA ARG C 11 10.54 -15.59 -3.93
C ARG C 11 11.82 -16.38 -3.70
N ALA C 12 12.17 -17.27 -4.62
CA ALA C 12 13.34 -18.11 -4.38
C ALA C 12 14.64 -17.31 -4.38
N SER C 13 14.61 -16.08 -4.87
CA SER C 13 15.79 -15.21 -4.89
C SER C 13 15.85 -14.28 -3.69
N VAL C 14 14.88 -14.36 -2.79
CA VAL C 14 14.98 -13.63 -1.53
C VAL C 14 15.77 -14.53 -0.59
N PRO C 15 16.97 -14.13 -0.15
CA PRO C 15 17.79 -15.05 0.66
C PRO C 15 17.23 -15.24 2.05
N ASP C 16 17.58 -16.39 2.63
CA ASP C 16 17.29 -16.63 4.03
C ASP C 16 17.85 -15.49 4.86
N GLY C 17 17.09 -15.11 5.89
CA GLY C 17 17.55 -14.09 6.82
C GLY C 17 17.24 -12.68 6.40
N PHE C 18 16.57 -12.47 5.26
CA PHE C 18 16.38 -11.12 4.76
C PHE C 18 15.49 -10.28 5.68
N LEU C 19 14.36 -10.83 6.14
CA LEU C 19 13.50 -10.04 7.02
C LEU C 19 14.20 -9.69 8.32
N SER C 20 15.01 -10.61 8.84
CA SER C 20 15.78 -10.32 10.04
C SER C 20 16.80 -9.23 9.79
N GLU C 21 17.50 -9.29 8.67
CA GLU C 21 18.48 -8.24 8.38
C GLU C 21 17.78 -6.88 8.29
N LEU C 22 16.61 -6.83 7.64
CA LEU C 22 15.87 -5.57 7.54
C LEU C 22 15.48 -5.07 8.92
N THR C 23 14.97 -5.97 9.77
CA THR C 23 14.54 -5.56 11.12
C THR C 23 15.71 -4.99 11.90
N GLN C 24 16.85 -5.68 11.85
CA GLN C 24 17.97 -5.27 12.69
C GLN C 24 18.64 -4.03 12.15
N GLN C 25 18.76 -3.90 10.84
CA GLN C 25 19.37 -2.71 10.28
C GLN C 25 18.48 -1.49 10.44
N LEU C 26 17.15 -1.65 10.34
CA LEU C 26 16.25 -0.54 10.64
C LEU C 26 16.32 -0.13 12.11
N ALA C 27 16.48 -1.09 13.03
CA ALA C 27 16.69 -0.74 14.44
C ALA C 27 17.94 0.13 14.58
N GLN C 28 19.03 -0.26 13.90
CA GLN C 28 20.27 0.50 14.02
C GLN C 28 20.13 1.89 13.41
N ALA C 29 19.45 2.00 12.28
CA ALA C 29 19.36 3.28 11.59
C ALA C 29 18.41 4.25 12.29
N THR C 30 17.39 3.75 12.99
CA THR C 30 16.41 4.63 13.61
C THR C 30 16.55 4.74 15.12
N GLY C 31 17.28 3.82 15.75
CA GLY C 31 17.27 3.76 17.19
C GLY C 31 15.97 3.29 17.81
N LYS C 32 15.01 2.78 17.00
CA LYS C 32 13.78 2.26 17.58
C LYS C 32 13.97 0.83 18.08
N PRO C 33 13.24 0.43 19.11
CA PRO C 33 13.35 -0.97 19.62
C PRO C 33 12.99 -1.98 18.55
N PRO C 34 13.84 -2.98 18.32
CA PRO C 34 13.52 -3.98 17.27
C PRO C 34 12.23 -4.76 17.52
N GLN C 35 11.81 -4.92 18.78
CA GLN C 35 10.61 -5.72 19.05
C GLN C 35 9.36 -5.10 18.46
N TYR C 36 9.40 -3.83 18.04
CA TYR C 36 8.21 -3.21 17.46
C TYR C 36 8.36 -2.92 15.97
N ILE C 37 9.51 -3.23 15.38
CA ILE C 37 9.71 -2.98 13.95
C ILE C 37 9.01 -4.06 13.15
N ALA C 38 8.31 -3.67 12.08
CA ALA C 38 7.57 -4.60 11.24
C ALA C 38 8.13 -4.51 9.83
N VAL C 39 8.32 -5.67 9.19
CA VAL C 39 8.88 -5.73 7.83
C VAL C 39 8.04 -6.68 6.99
N HIS C 40 7.88 -6.36 5.73
CA HIS C 40 6.98 -7.10 4.84
C HIS C 40 7.60 -7.09 3.46
N VAL C 41 7.83 -8.27 2.90
CA VAL C 41 8.48 -8.40 1.59
C VAL C 41 7.53 -9.13 0.67
N VAL C 42 7.29 -8.57 -0.51
CA VAL C 42 6.29 -9.09 -1.43
C VAL C 42 6.97 -9.37 -2.76
N PRO C 43 7.41 -10.64 -2.99
CA PRO C 43 8.11 -10.97 -4.24
C PRO C 43 7.14 -11.35 -5.34
N ASP C 44 7.68 -11.68 -6.51
CA ASP C 44 6.91 -12.22 -7.61
C ASP C 44 5.88 -11.26 -8.15
N GLN C 45 6.09 -9.95 -8.03
CA GLN C 45 5.09 -8.99 -8.45
C GLN C 45 5.19 -8.67 -9.94
N LEU C 46 4.04 -8.30 -10.51
CA LEU C 46 3.94 -7.85 -11.90
C LEU C 46 4.15 -6.34 -11.86
N MET C 47 5.35 -5.89 -12.20
CA MET C 47 5.74 -4.48 -12.08
C MET C 47 6.71 -4.10 -13.15
N ALA C 48 6.74 -2.81 -13.44
CA ALA C 48 7.73 -2.25 -14.36
C ALA C 48 8.23 -0.94 -13.78
N PHE C 49 9.43 -0.53 -14.20
CA PHE C 49 10.06 0.72 -13.75
C PHE C 49 10.67 1.30 -15.01
N GLY C 50 10.22 2.48 -15.41
CA GLY C 50 10.65 3.03 -16.69
C GLY C 50 10.27 2.17 -17.89
N GLY C 51 9.20 1.38 -17.78
CA GLY C 51 8.78 0.51 -18.86
C GLY C 51 9.49 -0.83 -18.91
N SER C 52 10.48 -1.06 -18.07
CA SER C 52 11.27 -2.28 -18.10
C SER C 52 10.91 -3.14 -16.92
N SER C 53 10.85 -4.46 -17.15
N SER C 53 10.85 -4.45 -17.12
CA SER C 53 10.56 -5.45 -16.11
CA SER C 53 10.57 -5.35 -16.02
C SER C 53 11.83 -6.08 -15.56
C SER C 53 11.83 -6.08 -15.56
N GLU C 54 12.99 -5.46 -15.75
CA GLU C 54 14.18 -5.89 -15.00
C GLU C 54 13.90 -5.71 -13.50
N PRO C 55 14.68 -6.35 -12.62
CA PRO C 55 14.40 -6.26 -11.19
C PRO C 55 14.26 -4.81 -10.77
N CYS C 56 13.22 -4.57 -9.97
CA CYS C 56 12.91 -3.26 -9.42
C CYS C 56 12.19 -3.46 -8.11
N ALA C 57 12.04 -2.37 -7.37
CA ALA C 57 11.33 -2.47 -6.11
C ALA C 57 10.60 -1.17 -5.83
N LEU C 58 9.40 -1.29 -5.25
CA LEU C 58 8.60 -0.16 -4.78
C LEU C 58 8.36 -0.39 -3.30
N CYS C 59 8.77 0.57 -2.46
CA CYS C 59 8.80 0.36 -1.03
C CYS C 59 8.19 1.52 -0.28
N SER C 60 7.85 1.27 1.00
CA SER C 60 7.42 2.34 1.89
C SER C 60 8.07 2.16 3.24
N LEU C 61 8.35 3.28 3.87
CA LEU C 61 8.81 3.28 5.26
C LEU C 61 7.94 4.27 6.00
N HIS C 62 7.23 3.79 7.01
CA HIS C 62 6.42 4.63 7.89
C HIS C 62 7.07 4.70 9.25
N SER C 63 7.07 5.88 9.84
CA SER C 63 7.64 6.05 11.16
C SER C 63 6.91 7.19 11.84
N ILE C 64 6.86 7.15 13.17
CA ILE C 64 6.34 8.28 13.93
C ILE C 64 7.54 9.15 14.29
N GLY C 65 7.75 10.23 13.53
CA GLY C 65 9.01 10.96 13.62
C GLY C 65 10.11 10.15 12.96
N LYS C 66 11.34 10.62 13.10
CA LYS C 66 12.49 9.96 12.50
C LYS C 66 12.45 10.01 10.98
N ILE C 67 11.59 10.88 10.43
CA ILE C 67 11.54 11.13 8.99
C ILE C 67 12.00 12.57 8.76
N GLY C 68 12.88 12.75 7.79
CA GLY C 68 13.30 14.11 7.47
C GLY C 68 14.28 14.06 6.33
N GLY C 69 14.71 15.23 5.86
CA GLY C 69 15.59 15.28 4.71
C GLY C 69 16.86 14.43 4.83
N ALA C 70 17.67 14.67 5.88
CA ALA C 70 18.92 13.91 6.04
C ALA C 70 18.63 12.46 6.42
N GLN C 71 17.68 12.23 7.32
CA GLN C 71 17.39 10.87 7.74
C GLN C 71 16.96 10.04 6.55
N ASN C 72 16.09 10.59 5.69
CA ASN C 72 15.60 9.82 4.57
C ASN C 72 16.70 9.51 3.57
N ARG C 73 17.66 10.43 3.38
CA ARG C 73 18.80 10.12 2.53
C ARG C 73 19.56 8.93 3.10
N SER C 74 19.77 8.93 4.42
CA SER C 74 20.50 7.83 5.06
C SER C 74 19.73 6.52 4.94
N TYR C 75 18.41 6.56 5.11
CA TYR C 75 17.61 5.34 4.96
C TYR C 75 17.68 4.83 3.53
N SER C 76 17.68 5.74 2.55
CA SER C 76 17.71 5.30 1.17
C SER C 76 19.03 4.63 0.84
N LYS C 77 20.15 5.13 1.37
CA LYS C 77 21.42 4.46 1.12
C LYS C 77 21.44 3.09 1.76
N LEU C 78 20.94 3.00 2.99
CA LEU C 78 20.90 1.72 3.69
C LEU C 78 20.02 0.74 2.93
N LEU C 79 18.79 1.16 2.59
CA LEU C 79 17.83 0.22 2.01
C LEU C 79 18.19 -0.14 0.57
N CYS C 80 18.58 0.85 -0.25
CA CYS C 80 19.05 0.51 -1.59
C CYS C 80 20.26 -0.41 -1.52
N GLY C 81 21.14 -0.19 -0.54
CA GLY C 81 22.30 -1.06 -0.42
C GLY C 81 21.89 -2.49 -0.15
N LEU C 82 20.94 -2.68 0.76
CA LEU C 82 20.47 -4.02 1.08
C LEU C 82 19.77 -4.66 -0.12
N LEU C 83 18.95 -3.89 -0.84
CA LEU C 83 18.23 -4.46 -1.98
C LEU C 83 19.20 -4.81 -3.10
N ALA C 84 20.26 -4.02 -3.27
CA ALA C 84 21.26 -4.34 -4.29
C ALA C 84 22.06 -5.57 -3.90
N GLU C 85 22.55 -5.60 -2.66
CA GLU C 85 23.38 -6.73 -2.24
C GLU C 85 22.59 -8.03 -2.18
N ARG C 86 21.40 -8.00 -1.60
CA ARG C 86 20.67 -9.21 -1.30
C ARG C 86 19.72 -9.65 -2.40
N LEU C 87 19.05 -8.71 -3.08
CA LEU C 87 18.07 -9.04 -4.13
C LEU C 87 18.58 -8.71 -5.52
N ARG C 88 19.78 -8.14 -5.64
CA ARG C 88 20.39 -7.81 -6.93
C ARG C 88 19.56 -6.81 -7.72
N ILE C 89 18.92 -5.87 -7.03
CA ILE C 89 18.14 -4.81 -7.66
C ILE C 89 19.01 -3.54 -7.71
N SER C 90 19.09 -2.95 -8.90
CA SER C 90 19.89 -1.74 -9.04
C SER C 90 19.24 -0.60 -8.26
N PRO C 91 20.00 0.20 -7.52
CA PRO C 91 19.38 1.30 -6.74
C PRO C 91 18.59 2.27 -7.58
N ASP C 92 18.96 2.47 -8.85
CA ASP C 92 18.17 3.38 -9.68
C ASP C 92 16.87 2.77 -10.21
N ARG C 93 16.52 1.58 -9.73
CA ARG C 93 15.22 0.95 -10.00
C ARG C 93 14.46 0.68 -8.71
N VAL C 94 14.74 1.49 -7.68
CA VAL C 94 14.05 1.42 -6.40
C VAL C 94 13.42 2.78 -6.13
N TYR C 95 12.13 2.76 -5.71
CA TYR C 95 11.52 3.93 -5.07
C TYR C 95 11.16 3.53 -3.65
N ILE C 96 11.38 4.44 -2.72
CA ILE C 96 10.92 4.29 -1.33
C ILE C 96 10.13 5.53 -0.95
N ASN C 97 8.86 5.36 -0.63
CA ASN C 97 8.06 6.46 -0.12
C ASN C 97 8.16 6.50 1.40
N TYR C 98 8.49 7.68 1.94
CA TYR C 98 8.66 7.88 3.39
C TYR C 98 7.43 8.60 3.92
N TYR C 99 6.93 8.13 5.07
CA TYR C 99 5.74 8.70 5.72
C TYR C 99 6.05 9.01 7.17
N ASP C 100 5.90 10.28 7.52
CA ASP C 100 6.01 10.71 8.91
C ASP C 100 4.59 10.70 9.45
N MET C 101 4.28 9.71 10.28
CA MET C 101 2.93 9.49 10.80
C MET C 101 2.74 10.19 12.13
N ASN C 102 1.60 10.84 12.28
CA ASN C 102 1.18 11.34 13.57
C ASN C 102 0.81 10.15 14.47
N ALA C 103 1.22 10.20 15.73
CA ALA C 103 0.97 9.08 16.64
C ALA C 103 -0.52 8.72 16.71
N ALA C 104 -1.41 9.74 16.62
CA ALA C 104 -2.85 9.51 16.67
C ALA C 104 -3.35 8.74 15.46
N ASN C 105 -2.58 8.66 14.40
CA ASN C 105 -2.98 7.98 13.17
C ASN C 105 -2.34 6.61 13.03
N VAL C 106 -1.75 6.09 14.11
CA VAL C 106 -1.18 4.76 14.09
C VAL C 106 -1.86 3.93 15.18
N GLY C 107 -2.60 2.92 14.76
CA GLY C 107 -3.24 2.00 15.70
C GLY C 107 -2.34 0.83 16.04
N TRP C 108 -2.44 0.36 17.28
CA TRP C 108 -1.65 -0.76 17.76
C TRP C 108 -2.29 -1.25 19.04
N ASN C 109 -2.44 -2.57 19.20
CA ASN C 109 -2.82 -3.12 20.51
C ASN C 109 -4.08 -2.45 21.08
N ASN C 110 -5.13 -2.40 20.26
CA ASN C 110 -6.46 -1.92 20.67
C ASN C 110 -6.56 -0.42 20.86
N SER C 111 -5.51 0.34 20.56
CA SER C 111 -5.54 1.78 20.79
C SER C 111 -4.69 2.44 19.71
N THR C 112 -4.25 3.67 19.96
CA THR C 112 -3.25 4.32 19.10
C THR C 112 -2.05 4.73 19.93
N PHE C 113 -1.00 5.21 19.24
CA PHE C 113 0.22 5.67 19.93
C PHE C 113 0.11 7.09 20.46
N ALA C 114 -1.02 7.76 20.27
CA ALA C 114 -1.20 9.09 20.86
C ALA C 114 -1.17 9.08 22.39
#